data_1I7F
#
_entry.id   1I7F
#
_cell.length_a   77.293
_cell.length_b   77.293
_cell.length_c   193.893
_cell.angle_alpha   90.00
_cell.angle_beta   90.00
_cell.angle_gamma   120.00
#
_symmetry.space_group_name_H-M   'P 65 2 2'
#
loop_
_entity.id
_entity.type
_entity.pdbx_description
1 polymer 'HEAT SHOCK PROTEIN 33'
2 non-polymer 'SULFATE ION'
3 non-polymer GLYCEROL
4 water water
#
_entity_poly.entity_id   1
_entity_poly.type   'polypeptide(L)'
_entity_poly.pdbx_seq_one_letter_code
;(MSE)PQHDQLHRYLFENFAVRGELVTVSETLQQILENHDYPQPVKNVLAELLVATSLLTATLKFDGDITVQLQGDGP
(MSE)NLAVINGNNNQQ(MSE)RGVARVQGEIPENADLKTLVGNGYVVITITPSEGERYQGVVGLEGDTLAADLEDYF
(MSE)RSEQLPTRLFIRTGDVDGKPAAGG(MSE)LLQV(MSE)PAQNAQQDDFDHLATLTETIKTEELLTLPANEVLWRL
YHEEEVTVYDPQDVEFKCTCSRERSADALKTLPDEEVDSILAEDGEID(MSE)HCDYCGNHYLFNAMDIAEIRNNASPAD
PQVH
;
_entity_poly.pdbx_strand_id   A
#
loop_
_chem_comp.id
_chem_comp.type
_chem_comp.name
_chem_comp.formula
GOL non-polymer GLYCEROL 'C3 H8 O3'
SO4 non-polymer 'SULFATE ION' 'O4 S -2'
#
# COMPACT_ATOMS: atom_id res chain seq x y z
N HIS A 4 -7.17 21.02 -11.96
CA HIS A 4 -6.10 20.93 -10.91
C HIS A 4 -6.05 19.56 -10.23
N ASP A 5 -4.85 18.99 -10.20
CA ASP A 5 -4.65 17.69 -9.56
C ASP A 5 -4.31 17.89 -8.09
N GLN A 6 -5.18 17.38 -7.23
CA GLN A 6 -4.97 17.53 -5.79
C GLN A 6 -5.36 16.29 -5.03
N LEU A 7 -4.72 16.12 -3.89
CA LEU A 7 -5.03 15.00 -3.03
C LEU A 7 -5.58 15.63 -1.75
N HIS A 8 -6.80 15.24 -1.39
CA HIS A 8 -7.40 15.74 -0.17
C HIS A 8 -7.43 14.65 0.88
N ARG A 9 -6.95 14.99 2.07
CA ARG A 9 -6.99 14.08 3.20
C ARG A 9 -8.18 14.44 4.09
N TYR A 10 -8.90 13.43 4.55
CA TYR A 10 -10.04 13.68 5.43
C TYR A 10 -10.19 12.57 6.49
N LEU A 11 -10.78 12.95 7.61
CA LEU A 11 -10.95 12.03 8.73
C LEU A 11 -12.38 11.94 9.21
N PHE A 12 -12.87 10.72 9.38
CA PHE A 12 -14.22 10.49 9.89
C PHE A 12 -14.12 10.46 11.40
N GLU A 13 -14.08 11.66 11.97
CA GLU A 13 -14.00 11.88 13.41
C GLU A 13 -14.62 10.82 14.32
N ASN A 14 -15.89 10.52 14.13
CA ASN A 14 -16.57 9.56 14.99
C ASN A 14 -16.18 8.10 14.79
N PHE A 15 -15.77 7.74 13.59
CA PHE A 15 -15.42 6.36 13.32
C PHE A 15 -13.93 6.02 13.28
N ALA A 16 -13.05 7.01 13.41
CA ALA A 16 -11.62 6.74 13.37
C ALA A 16 -11.22 6.04 12.06
N VAL A 17 -11.55 6.69 10.94
CA VAL A 17 -11.23 6.16 9.62
C VAL A 17 -10.74 7.30 8.76
N ARG A 18 -9.47 7.23 8.33
CA ARG A 18 -8.92 8.30 7.51
C ARG A 18 -9.30 8.04 6.06
N GLY A 19 -9.49 9.12 5.31
CA GLY A 19 -9.86 9.01 3.92
C GLY A 19 -8.95 9.85 3.03
N GLU A 20 -8.91 9.49 1.76
CA GLU A 20 -8.13 10.22 0.76
C GLU A 20 -8.89 10.27 -0.55
N LEU A 21 -8.92 11.47 -1.13
CA LEU A 21 -9.63 11.75 -2.37
C LEU A 21 -8.62 12.40 -3.32
N VAL A 22 -8.48 11.87 -4.53
CA VAL A 22 -7.52 12.46 -5.46
C VAL A 22 -7.99 12.40 -6.92
N THR A 23 -7.48 13.38 -7.68
CA THR A 23 -7.75 13.49 -9.10
C THR A 23 -6.49 13.89 -9.87
N VAL A 24 -6.36 13.28 -11.06
CA VAL A 24 -5.28 13.53 -12.04
C VAL A 24 -5.85 13.88 -13.41
N SER A 25 -5.22 14.74 -14.08
CA SER A 25 -5.60 15.17 -15.41
C SER A 25 -4.36 15.87 -15.94
N GLU A 26 -3.95 16.89 -15.20
CA GLU A 26 -2.77 17.64 -15.56
C GLU A 26 -1.56 16.70 -15.58
N THR A 27 -1.39 15.95 -14.49
CA THR A 27 -0.27 15.04 -14.34
C THR A 27 -0.35 13.86 -15.28
N LEU A 28 -1.55 13.30 -15.43
CA LEU A 28 -1.73 12.16 -16.32
C LEU A 28 -1.40 12.54 -17.76
N GLN A 29 -1.77 13.77 -18.14
CA GLN A 29 -1.53 14.27 -19.48
C GLN A 29 -0.03 14.28 -19.74
N GLN A 30 0.74 14.83 -18.80
CA GLN A 30 2.19 14.92 -18.93
C GLN A 30 2.91 13.56 -18.98
N ILE A 31 2.31 12.56 -18.36
CA ILE A 31 2.87 11.22 -18.33
C ILE A 31 2.57 10.42 -19.60
N LEU A 32 1.57 10.86 -20.35
CA LEU A 32 1.18 10.15 -21.57
C LEU A 32 1.60 10.80 -22.88
N GLU A 33 1.87 12.10 -22.85
CA GLU A 33 2.25 12.79 -24.07
C GLU A 33 3.61 12.34 -24.58
N ASN A 34 3.67 12.08 -25.87
CA ASN A 34 4.89 11.65 -26.55
C ASN A 34 5.22 10.18 -26.29
N HIS A 35 4.17 9.38 -26.23
CA HIS A 35 4.23 7.93 -26.05
C HIS A 35 2.94 7.53 -26.72
N ASP A 36 3.00 7.10 -27.96
CA ASP A 36 1.76 6.73 -28.64
C ASP A 36 1.17 5.46 -28.03
N TYR A 37 0.90 5.51 -26.73
CA TYR A 37 0.32 4.35 -26.02
C TYR A 37 -1.07 4.09 -26.53
N PRO A 38 -1.41 2.83 -26.78
CA PRO A 38 -2.78 2.60 -27.25
C PRO A 38 -3.71 2.90 -26.06
N GLN A 39 -5.02 2.85 -26.26
CA GLN A 39 -5.94 3.15 -25.17
C GLN A 39 -5.81 2.24 -23.95
N PRO A 40 -5.87 0.92 -24.14
CA PRO A 40 -5.76 -0.01 -23.00
C PRO A 40 -4.57 0.28 -22.07
N VAL A 41 -3.42 0.62 -22.64
CA VAL A 41 -2.25 0.91 -21.84
C VAL A 41 -2.49 2.20 -21.06
N LYS A 42 -3.05 3.20 -21.74
CA LYS A 42 -3.32 4.51 -21.11
C LYS A 42 -4.24 4.35 -19.91
N ASN A 43 -5.12 3.36 -19.97
CA ASN A 43 -6.07 3.14 -18.89
C ASN A 43 -5.41 2.61 -17.62
N VAL A 44 -4.53 1.61 -17.73
CA VAL A 44 -3.88 1.07 -16.54
C VAL A 44 -2.93 2.09 -15.92
N LEU A 45 -2.35 2.94 -16.76
CA LEU A 45 -1.42 3.94 -16.27
C LEU A 45 -2.20 4.97 -15.47
N ALA A 46 -3.46 5.15 -15.83
CA ALA A 46 -4.33 6.10 -15.15
C ALA A 46 -4.59 5.50 -13.77
N GLU A 47 -4.96 4.23 -13.75
CA GLU A 47 -5.21 3.52 -12.49
C GLU A 47 -3.98 3.52 -11.59
N LEU A 48 -2.80 3.21 -12.15
CA LEU A 48 -1.59 3.18 -11.34
C LEU A 48 -1.25 4.53 -10.79
N LEU A 49 -1.53 5.57 -11.58
CA LEU A 49 -1.23 6.94 -11.12
C LEU A 49 -2.12 7.30 -9.92
N VAL A 50 -3.38 6.87 -9.95
CA VAL A 50 -4.28 7.14 -8.86
C VAL A 50 -3.85 6.31 -7.65
N ALA A 51 -3.64 5.01 -7.88
CA ALA A 51 -3.23 4.10 -6.84
C ALA A 51 -1.94 4.60 -6.18
N THR A 52 -0.94 4.93 -7.00
CA THR A 52 0.32 5.35 -6.46
C THR A 52 0.20 6.63 -5.66
N SER A 53 -0.49 7.62 -6.22
CA SER A 53 -0.65 8.88 -5.53
C SER A 53 -1.31 8.70 -4.15
N LEU A 54 -2.32 7.85 -4.07
CA LEU A 54 -3.00 7.60 -2.81
C LEU A 54 -2.06 6.93 -1.83
N LEU A 55 -1.35 5.89 -2.28
CA LEU A 55 -0.41 5.18 -1.42
C LEU A 55 0.68 6.11 -0.95
N THR A 56 1.03 7.06 -1.81
CA THR A 56 2.07 8.02 -1.50
C THR A 56 1.75 8.79 -0.24
N ALA A 57 0.49 9.19 -0.12
CA ALA A 57 0.02 9.99 1.01
C ALA A 57 -0.11 9.23 2.32
N THR A 58 0.28 7.96 2.33
CA THR A 58 0.18 7.19 3.56
C THR A 58 1.55 7.02 4.19
N LEU A 59 2.59 7.43 3.46
CA LEU A 59 3.95 7.33 3.99
C LEU A 59 4.06 8.08 5.30
N LYS A 60 4.78 7.51 6.26
CA LYS A 60 4.97 8.14 7.56
C LYS A 60 6.39 8.71 7.66
N PHE A 61 7.10 8.54 6.56
CA PHE A 61 8.48 9.03 6.42
C PHE A 61 8.68 9.53 4.99
N ASP A 62 9.85 10.14 4.73
CA ASP A 62 10.17 10.70 3.40
C ASP A 62 10.94 9.71 2.52
N GLY A 63 10.38 9.47 1.33
CA GLY A 63 10.99 8.57 0.35
C GLY A 63 10.01 8.41 -0.80
N ASP A 64 10.34 7.55 -1.75
CA ASP A 64 9.47 7.36 -2.88
C ASP A 64 8.93 5.94 -2.96
N ILE A 65 7.69 5.85 -3.43
CA ILE A 65 7.02 4.58 -3.61
C ILE A 65 6.73 4.38 -5.08
N THR A 66 6.79 3.13 -5.53
CA THR A 66 6.49 2.83 -6.92
C THR A 66 5.63 1.58 -6.94
N VAL A 67 4.59 1.60 -7.76
CA VAL A 67 3.66 0.48 -7.90
C VAL A 67 3.76 0.04 -9.35
N GLN A 68 4.14 -1.21 -9.59
CA GLN A 68 4.24 -1.63 -10.97
C GLN A 68 3.62 -2.97 -11.24
N LEU A 69 3.26 -3.19 -12.50
CA LEU A 69 2.67 -4.45 -12.93
C LEU A 69 3.71 -5.07 -13.85
N GLN A 70 3.91 -6.37 -13.72
CA GLN A 70 4.87 -7.08 -14.58
C GLN A 70 4.22 -8.36 -15.03
N GLY A 71 4.45 -8.72 -16.29
CA GLY A 71 3.84 -9.95 -16.80
C GLY A 71 4.38 -10.39 -18.15
N ASP A 72 3.75 -11.43 -18.70
CA ASP A 72 4.15 -11.95 -20.00
C ASP A 72 3.25 -11.47 -21.14
N GLY A 73 2.13 -10.81 -20.80
CA GLY A 73 1.22 -10.31 -21.82
C GLY A 73 1.86 -9.25 -22.68
N PRO A 74 1.13 -8.67 -23.64
CA PRO A 74 1.62 -7.63 -24.55
C PRO A 74 2.22 -6.40 -23.88
N MSE A 75 1.77 -6.10 -22.66
CA MSE A 75 2.30 -4.96 -21.90
C MSE A 75 3.11 -5.57 -20.76
O MSE A 75 2.62 -5.71 -19.65
CB MSE A 75 1.16 -4.11 -21.34
CG MSE A 75 1.60 -2.87 -20.56
SE MSE A 75 0.11 -1.85 -19.77
CE MSE A 75 -0.42 -3.13 -18.43
N ASN A 76 4.35 -5.95 -21.03
CA ASN A 76 5.19 -6.57 -20.02
C ASN A 76 5.53 -5.69 -18.81
N LEU A 77 5.42 -4.37 -18.94
CA LEU A 77 5.74 -3.50 -17.82
C LEU A 77 4.93 -2.20 -17.78
N ALA A 78 4.45 -1.84 -16.58
CA ALA A 78 3.68 -0.59 -16.36
C ALA A 78 4.03 -0.13 -14.95
N VAL A 79 4.60 1.05 -14.83
CA VAL A 79 5.03 1.52 -13.52
C VAL A 79 4.70 2.99 -13.29
N ILE A 80 4.53 3.35 -12.01
CA ILE A 80 4.26 4.71 -11.60
C ILE A 80 5.04 4.91 -10.32
N ASN A 81 5.73 6.04 -10.24
CA ASN A 81 6.54 6.33 -9.08
C ASN A 81 6.21 7.71 -8.50
N GLY A 82 6.13 7.78 -7.18
CA GLY A 82 5.84 9.05 -6.55
C GLY A 82 6.62 9.20 -5.26
N ASN A 83 6.69 10.41 -4.74
CA ASN A 83 7.39 10.67 -3.50
C ASN A 83 6.45 11.35 -2.51
N ASN A 84 6.93 11.51 -1.28
CA ASN A 84 6.13 12.14 -0.25
C ASN A 84 5.54 13.49 -0.71
N ASN A 85 6.22 14.17 -1.63
CA ASN A 85 5.71 15.46 -2.13
C ASN A 85 4.73 15.34 -3.28
N GLN A 86 4.22 14.13 -3.50
CA GLN A 86 3.25 13.90 -4.55
C GLN A 86 3.70 14.24 -5.96
N GLN A 87 4.98 13.98 -6.25
CA GLN A 87 5.52 14.21 -7.59
C GLN A 87 5.54 12.87 -8.31
N MSE A 88 4.73 12.77 -9.37
CA MSE A 88 4.59 11.53 -10.13
C MSE A 88 5.32 11.46 -11.47
O MSE A 88 5.63 12.47 -12.08
CB MSE A 88 3.09 11.29 -10.38
CG MSE A 88 2.18 11.61 -9.19
SE MSE A 88 2.56 10.51 -7.59
CE MSE A 88 1.89 8.84 -8.22
N ARG A 89 5.55 10.22 -11.91
CA ARG A 89 6.23 9.94 -13.19
C ARG A 89 6.11 8.45 -13.44
N GLY A 90 6.17 8.04 -14.69
CA GLY A 90 6.04 6.64 -15.02
C GLY A 90 6.10 6.34 -16.51
N VAL A 91 6.09 5.05 -16.85
CA VAL A 91 6.15 4.62 -18.24
C VAL A 91 5.53 3.24 -18.34
N ALA A 92 5.31 2.78 -19.56
CA ALA A 92 4.76 1.44 -19.80
C ALA A 92 5.60 0.85 -20.92
N ARG A 93 5.65 -0.46 -21.00
CA ARG A 93 6.42 -1.14 -22.05
C ARG A 93 5.49 -2.07 -22.80
N VAL A 94 5.23 -1.76 -24.06
CA VAL A 94 4.39 -2.61 -24.89
C VAL A 94 5.33 -3.47 -25.74
N GLN A 95 5.16 -4.78 -25.69
CA GLN A 95 6.01 -5.69 -26.42
C GLN A 95 5.24 -6.53 -27.42
N GLY A 96 4.00 -6.17 -27.71
CA GLY A 96 3.24 -6.98 -28.65
C GLY A 96 1.90 -6.42 -29.08
N GLU A 97 1.07 -7.32 -29.62
CA GLU A 97 -0.25 -6.97 -30.10
C GLU A 97 -1.18 -6.64 -28.93
N ILE A 98 -1.68 -5.42 -28.89
CA ILE A 98 -2.60 -5.01 -27.82
C ILE A 98 -4.02 -4.79 -28.35
N PRO A 99 -4.91 -5.77 -28.13
CA PRO A 99 -6.31 -5.72 -28.59
C PRO A 99 -7.14 -4.59 -28.01
N GLU A 100 -8.03 -4.01 -28.82
CA GLU A 100 -8.87 -2.93 -28.35
C GLU A 100 -9.75 -3.46 -27.22
N ASN A 101 -10.12 -2.59 -26.30
CA ASN A 101 -10.96 -2.99 -25.16
C ASN A 101 -10.31 -4.15 -24.42
N ALA A 102 -8.99 -4.05 -24.24
CA ALA A 102 -8.25 -5.09 -23.55
C ALA A 102 -8.32 -4.86 -22.04
N ASP A 103 -8.68 -5.91 -21.30
CA ASP A 103 -8.78 -5.80 -19.86
C ASP A 103 -7.40 -5.98 -19.21
N LEU A 104 -7.26 -5.44 -18.00
CA LEU A 104 -6.01 -5.52 -17.26
C LEU A 104 -5.35 -6.89 -17.33
N LYS A 105 -6.14 -7.95 -17.18
CA LYS A 105 -5.62 -9.30 -17.20
C LYS A 105 -4.99 -9.74 -18.53
N THR A 106 -5.33 -9.06 -19.63
CA THR A 106 -4.75 -9.45 -20.92
C THR A 106 -3.55 -8.58 -21.29
N LEU A 107 -3.59 -7.31 -20.92
CA LEU A 107 -2.49 -6.41 -21.19
C LEU A 107 -1.28 -6.98 -20.46
N VAL A 108 -1.50 -7.28 -19.19
CA VAL A 108 -0.46 -7.88 -18.35
C VAL A 108 -0.83 -9.36 -18.49
N GLY A 109 0.12 -10.20 -18.83
CA GLY A 109 -0.24 -11.60 -18.98
C GLY A 109 -0.34 -12.24 -17.61
N ASN A 110 0.66 -13.05 -17.29
CA ASN A 110 0.71 -13.71 -16.01
C ASN A 110 1.80 -12.96 -15.28
N GLY A 111 1.40 -12.17 -14.30
CA GLY A 111 2.40 -11.40 -13.59
C GLY A 111 2.02 -11.01 -12.18
N TYR A 112 2.63 -9.93 -11.69
CA TYR A 112 2.36 -9.51 -10.34
C TYR A 112 2.27 -8.01 -10.23
N VAL A 113 1.86 -7.59 -9.04
CA VAL A 113 1.80 -6.17 -8.69
C VAL A 113 3.05 -6.12 -7.81
N VAL A 114 3.86 -5.09 -7.96
CA VAL A 114 5.08 -5.01 -7.18
C VAL A 114 5.22 -3.66 -6.52
N ILE A 115 4.99 -3.61 -5.22
CA ILE A 115 5.11 -2.35 -4.50
C ILE A 115 6.49 -2.26 -3.92
N THR A 116 7.20 -1.21 -4.28
CA THR A 116 8.53 -1.02 -3.76
C THR A 116 8.62 0.36 -3.12
N ILE A 117 8.93 0.37 -1.83
CA ILE A 117 9.05 1.56 -1.00
C ILE A 117 10.51 1.78 -0.59
N THR A 118 11.18 2.73 -1.24
CA THR A 118 12.56 3.06 -0.93
C THR A 118 12.68 4.42 -0.25
N PRO A 119 12.97 4.48 1.03
CA PRO A 119 13.07 5.81 1.67
C PRO A 119 14.21 6.72 1.36
N SER A 120 14.06 8.01 1.81
CA SER A 120 15.19 8.87 1.60
C SER A 120 16.33 8.48 2.63
N GLU A 121 16.31 8.23 3.92
CA GLU A 121 17.52 7.42 4.28
C GLU A 121 17.17 6.06 4.84
N GLY A 122 17.51 5.01 4.11
CA GLY A 122 17.21 3.70 4.60
C GLY A 122 17.30 2.71 3.49
N GLU A 123 16.95 1.47 3.83
CA GLU A 123 16.97 0.43 2.85
C GLU A 123 15.61 0.17 2.23
N ARG A 124 15.64 -0.10 0.93
CA ARG A 124 14.45 -0.37 0.14
C ARG A 124 13.65 -1.60 0.57
N TYR A 125 12.32 -1.49 0.46
CA TYR A 125 11.42 -2.59 0.78
C TYR A 125 10.64 -2.93 -0.48
N GLN A 126 10.30 -4.20 -0.67
CA GLN A 126 9.51 -4.59 -1.84
C GLN A 126 8.50 -5.70 -1.55
N GLY A 127 7.25 -5.46 -1.92
CA GLY A 127 6.21 -6.44 -1.71
C GLY A 127 5.65 -6.94 -3.03
N VAL A 128 5.29 -8.21 -3.10
CA VAL A 128 4.76 -8.76 -4.34
C VAL A 128 3.54 -9.63 -4.11
N VAL A 129 2.65 -9.63 -5.09
CA VAL A 129 1.44 -10.43 -5.03
C VAL A 129 1.01 -10.64 -6.48
N GLY A 130 0.50 -11.83 -6.80
CA GLY A 130 0.10 -12.10 -8.17
C GLY A 130 -1.13 -11.35 -8.56
N LEU A 131 -1.43 -11.31 -9.85
CA LEU A 131 -2.61 -10.63 -10.35
C LEU A 131 -3.86 -11.51 -10.45
N GLU A 132 -4.37 -11.97 -9.31
CA GLU A 132 -5.56 -12.82 -9.33
C GLU A 132 -6.79 -11.90 -9.42
N GLY A 133 -6.60 -10.71 -9.97
CA GLY A 133 -7.71 -9.78 -10.03
C GLY A 133 -8.16 -9.21 -11.37
N ASP A 134 -9.43 -8.82 -11.39
CA ASP A 134 -10.07 -8.23 -12.56
C ASP A 134 -9.90 -6.73 -12.45
N THR A 135 -9.42 -6.30 -11.29
CA THR A 135 -9.26 -4.89 -11.01
C THR A 135 -7.99 -4.60 -10.25
N LEU A 136 -7.31 -3.54 -10.63
CA LEU A 136 -6.08 -3.15 -9.96
C LEU A 136 -6.39 -2.88 -8.48
N ALA A 137 -7.49 -2.18 -8.22
CA ALA A 137 -7.89 -1.87 -6.86
C ALA A 137 -8.17 -3.15 -6.06
N ALA A 138 -8.70 -4.17 -6.72
CA ALA A 138 -8.96 -5.44 -6.06
C ALA A 138 -7.64 -6.11 -5.70
N ASP A 139 -6.69 -6.06 -6.62
CA ASP A 139 -5.37 -6.66 -6.38
C ASP A 139 -4.64 -5.93 -5.28
N LEU A 140 -4.72 -4.60 -5.28
CA LEU A 140 -4.07 -3.79 -4.28
C LEU A 140 -4.65 -4.02 -2.91
N GLU A 141 -5.96 -4.23 -2.87
CA GLU A 141 -6.65 -4.47 -1.61
C GLU A 141 -6.23 -5.83 -1.07
N ASP A 142 -5.97 -6.76 -1.99
CA ASP A 142 -5.56 -8.09 -1.63
C ASP A 142 -4.18 -7.97 -0.97
N TYR A 143 -3.33 -7.14 -1.56
CA TYR A 143 -2.01 -6.88 -1.05
C TYR A 143 -2.08 -6.36 0.37
N PHE A 144 -2.94 -5.37 0.62
CA PHE A 144 -3.01 -4.81 1.96
C PHE A 144 -3.57 -5.79 2.97
N MSE A 145 -4.49 -6.62 2.52
CA MSE A 145 -5.08 -7.60 3.40
C MSE A 145 -4.00 -8.54 3.95
O MSE A 145 -4.09 -9.00 5.08
CB MSE A 145 -6.13 -8.40 2.66
CG MSE A 145 -6.98 -9.26 3.56
SE MSE A 145 -7.79 -10.58 2.42
CE MSE A 145 -8.77 -9.38 1.22
N ARG A 146 -2.98 -8.81 3.14
CA ARG A 146 -1.91 -9.71 3.55
C ARG A 146 -0.76 -8.98 4.24
N SER A 147 -0.58 -7.70 3.96
CA SER A 147 0.52 -6.95 4.55
C SER A 147 0.18 -5.86 5.57
N GLU A 148 -1.11 -5.59 5.76
CA GLU A 148 -1.51 -4.53 6.69
C GLU A 148 -2.63 -5.01 7.62
N GLN A 149 -2.50 -4.66 8.90
CA GLN A 149 -3.48 -5.03 9.89
C GLN A 149 -4.68 -4.11 9.72
N LEU A 150 -4.42 -2.82 9.53
CA LEU A 150 -5.49 -1.84 9.35
C LEU A 150 -6.30 -2.12 8.08
N PRO A 151 -7.61 -2.40 8.23
CA PRO A 151 -8.43 -2.65 7.04
C PRO A 151 -8.30 -1.42 6.11
N THR A 152 -8.26 -1.69 4.81
CA THR A 152 -8.09 -0.65 3.82
C THR A 152 -8.94 -0.88 2.58
N ARG A 153 -9.51 0.20 2.05
CA ARG A 153 -10.31 0.08 0.82
C ARG A 153 -9.85 1.09 -0.21
N LEU A 154 -9.93 0.70 -1.48
CA LEU A 154 -9.52 1.57 -2.58
C LEU A 154 -10.58 1.68 -3.67
N PHE A 155 -10.71 2.89 -4.20
CA PHE A 155 -11.68 3.13 -5.27
C PHE A 155 -10.97 3.92 -6.35
N ILE A 156 -11.01 3.37 -7.56
CA ILE A 156 -10.32 3.98 -8.70
C ILE A 156 -11.29 4.19 -9.84
N ARG A 157 -11.31 5.39 -10.38
CA ARG A 157 -12.21 5.69 -11.50
C ARG A 157 -11.43 6.30 -12.64
N THR A 158 -11.72 5.83 -13.83
CA THR A 158 -11.00 6.30 -15.00
C THR A 158 -11.96 6.68 -16.14
N GLY A 159 -11.66 7.79 -16.82
CA GLY A 159 -12.49 8.20 -17.93
C GLY A 159 -11.90 9.37 -18.66
N ASP A 160 -12.71 10.04 -19.45
CA ASP A 160 -12.26 11.18 -20.21
C ASP A 160 -13.07 12.43 -19.90
N VAL A 161 -12.40 13.57 -19.90
CA VAL A 161 -13.04 14.84 -19.63
C VAL A 161 -12.46 15.86 -20.61
N ASP A 162 -13.27 16.26 -21.57
CA ASP A 162 -12.87 17.23 -22.59
C ASP A 162 -11.95 16.51 -23.57
N GLY A 163 -12.31 15.28 -23.94
CA GLY A 163 -11.51 14.51 -24.86
C GLY A 163 -10.17 14.13 -24.24
N LYS A 164 -9.78 14.85 -23.20
CA LYS A 164 -8.53 14.59 -22.48
C LYS A 164 -8.79 13.52 -21.42
N PRO A 165 -7.81 12.62 -21.21
CA PRO A 165 -7.94 11.55 -20.22
C PRO A 165 -7.84 12.05 -18.78
N ALA A 166 -8.64 11.48 -17.90
CA ALA A 166 -8.63 11.87 -16.49
C ALA A 166 -8.88 10.66 -15.61
N ALA A 167 -8.45 10.76 -14.36
CA ALA A 167 -8.63 9.66 -13.42
C ALA A 167 -8.68 10.20 -12.01
N GLY A 168 -9.34 9.45 -11.14
CA GLY A 168 -9.43 9.85 -9.76
C GLY A 168 -9.68 8.62 -8.92
N GLY A 169 -9.55 8.77 -7.61
CA GLY A 169 -9.78 7.65 -6.73
C GLY A 169 -9.79 8.08 -5.29
N MSE A 170 -10.18 7.16 -4.43
CA MSE A 170 -10.26 7.43 -3.00
C MSE A 170 -9.81 6.22 -2.24
O MSE A 170 -9.90 5.07 -2.73
CB MSE A 170 -11.69 7.77 -2.61
CG MSE A 170 -12.33 8.82 -3.51
SE MSE A 170 -14.24 9.05 -3.24
CE MSE A 170 -14.78 7.85 -4.65
N LEU A 171 -9.32 6.45 -1.04
CA LEU A 171 -8.87 5.36 -0.20
C LEU A 171 -9.41 5.50 1.21
N LEU A 172 -9.82 4.38 1.78
CA LEU A 172 -10.34 4.34 3.13
C LEU A 172 -9.46 3.41 3.96
N GLN A 173 -9.12 3.86 5.16
CA GLN A 173 -8.30 3.04 6.03
C GLN A 173 -8.50 3.34 7.50
N VAL A 174 -8.68 2.29 8.29
CA VAL A 174 -8.84 2.42 9.72
C VAL A 174 -7.63 3.10 10.30
N MSE A 175 -7.86 3.85 11.37
CA MSE A 175 -6.81 4.59 12.06
C MSE A 175 -6.25 3.76 13.21
O MSE A 175 -6.87 2.81 13.68
CB MSE A 175 -7.41 5.87 12.65
CG MSE A 175 -7.79 6.93 11.66
SE MSE A 175 -6.19 7.87 11.19
CE MSE A 175 -6.00 9.00 12.76
N PRO A 176 -5.01 4.08 13.61
CA PRO A 176 -4.41 3.34 14.73
C PRO A 176 -4.91 4.10 15.97
N ALA A 177 -5.20 3.35 17.03
CA ALA A 177 -5.65 3.91 18.29
C ALA A 177 -4.95 5.19 18.77
N GLN A 178 -5.80 6.10 19.19
CA GLN A 178 -5.48 7.43 19.66
C GLN A 178 -4.66 7.38 20.92
N ASN A 179 -5.15 6.50 21.79
CA ASN A 179 -4.62 6.17 23.10
C ASN A 179 -3.15 5.74 22.97
N ALA A 180 -2.82 5.15 21.84
CA ALA A 180 -1.47 4.65 21.57
C ALA A 180 -0.44 5.74 21.23
N GLN A 181 -0.42 6.79 22.03
CA GLN A 181 0.54 7.87 21.82
C GLN A 181 1.95 7.32 21.81
N GLN A 182 2.75 7.79 20.88
CA GLN A 182 4.13 7.31 20.75
C GLN A 182 4.86 7.32 22.09
N ASP A 183 4.63 8.36 22.88
CA ASP A 183 5.27 8.49 24.20
C ASP A 183 5.05 7.25 25.05
N ASP A 184 3.79 6.81 25.13
CA ASP A 184 3.42 5.64 25.91
C ASP A 184 4.00 4.35 25.32
N PHE A 185 3.78 4.15 24.03
CA PHE A 185 4.28 2.99 23.32
C PHE A 185 5.77 2.84 23.56
N ASP A 186 6.52 3.93 23.34
CA ASP A 186 7.97 3.92 23.54
C ASP A 186 8.35 3.53 24.95
N HIS A 187 7.52 3.90 25.91
CA HIS A 187 7.77 3.56 27.30
C HIS A 187 7.66 2.04 27.47
N LEU A 188 6.55 1.47 27.02
CA LEU A 188 6.36 0.03 27.11
C LEU A 188 7.51 -0.70 26.42
N ALA A 189 7.87 -0.22 25.25
CA ALA A 189 8.93 -0.82 24.45
C ALA A 189 10.26 -0.76 25.20
N THR A 190 10.48 0.32 25.93
CA THR A 190 11.72 0.48 26.69
C THR A 190 11.61 -0.39 27.93
N LEU A 191 10.38 -0.57 28.40
CA LEU A 191 10.11 -1.37 29.57
C LEU A 191 10.44 -2.83 29.33
N THR A 192 9.94 -3.41 28.23
CA THR A 192 10.20 -4.81 27.98
C THR A 192 11.64 -5.13 27.59
N GLU A 193 12.36 -4.17 27.01
CA GLU A 193 13.73 -4.41 26.60
C GLU A 193 14.68 -4.59 27.78
N THR A 194 14.13 -4.58 29.00
CA THR A 194 14.95 -4.73 30.19
C THR A 194 14.82 -6.18 30.64
N ILE A 195 14.12 -6.96 29.84
CA ILE A 195 13.90 -8.37 30.14
C ILE A 195 15.22 -9.12 30.05
N LYS A 196 15.68 -9.66 31.18
CA LYS A 196 16.93 -10.41 31.18
C LYS A 196 16.64 -11.72 30.44
N THR A 197 17.48 -12.07 29.48
CA THR A 197 17.24 -13.29 28.73
C THR A 197 17.06 -14.52 29.62
N GLU A 198 17.83 -14.60 30.70
CA GLU A 198 17.71 -15.73 31.62
C GLU A 198 16.38 -15.68 32.35
N GLU A 199 15.90 -14.47 32.53
CA GLU A 199 14.65 -14.20 33.21
C GLU A 199 13.51 -14.75 32.35
N LEU A 200 13.53 -14.38 31.07
CA LEU A 200 12.52 -14.80 30.12
C LEU A 200 12.48 -16.29 29.83
N LEU A 201 13.65 -16.90 29.75
CA LEU A 201 13.75 -18.33 29.43
C LEU A 201 13.59 -19.34 30.57
N THR A 202 13.49 -18.87 31.81
CA THR A 202 13.36 -19.78 32.95
C THR A 202 12.09 -19.59 33.77
N LEU A 203 11.60 -18.36 33.84
CA LEU A 203 10.41 -18.08 34.62
C LEU A 203 9.10 -18.32 33.90
N PRO A 204 8.03 -18.67 34.64
CA PRO A 204 6.76 -18.89 33.97
C PRO A 204 6.28 -17.57 33.35
N ALA A 205 5.51 -17.65 32.28
CA ALA A 205 5.02 -16.47 31.58
C ALA A 205 4.35 -15.43 32.48
N ASN A 206 3.31 -15.86 33.21
CA ASN A 206 2.61 -14.94 34.09
C ASN A 206 3.56 -14.14 35.01
N GLU A 207 4.71 -14.72 35.34
CA GLU A 207 5.65 -14.04 36.22
C GLU A 207 6.44 -12.99 35.48
N VAL A 208 6.88 -13.32 34.27
CA VAL A 208 7.64 -12.36 33.45
C VAL A 208 6.72 -11.13 33.25
N LEU A 209 5.47 -11.41 32.90
CA LEU A 209 4.51 -10.37 32.68
C LEU A 209 4.47 -9.39 33.84
N TRP A 210 4.09 -9.83 35.04
CA TRP A 210 4.02 -8.88 36.16
C TRP A 210 5.37 -8.34 36.62
N ARG A 211 6.43 -9.12 36.43
CA ARG A 211 7.73 -8.67 36.84
C ARG A 211 8.12 -7.51 35.91
N LEU A 212 7.42 -7.43 34.77
CA LEU A 212 7.66 -6.41 33.75
C LEU A 212 6.64 -5.28 33.72
N TYR A 213 5.36 -5.68 33.76
CA TYR A 213 4.24 -4.74 33.68
C TYR A 213 3.30 -4.73 34.88
N HIS A 214 3.86 -4.80 36.09
CA HIS A 214 3.02 -4.80 37.28
C HIS A 214 2.35 -3.44 37.52
N GLU A 215 2.92 -2.39 36.92
CA GLU A 215 2.39 -1.03 37.03
C GLU A 215 1.28 -0.72 36.05
N GLU A 216 1.14 -1.55 35.02
CA GLU A 216 0.14 -1.31 33.99
C GLU A 216 -1.07 -2.22 34.08
N GLU A 217 -2.18 -1.76 33.50
CA GLU A 217 -3.43 -2.51 33.48
C GLU A 217 -3.32 -3.47 32.28
N VAL A 218 -3.15 -4.77 32.56
CA VAL A 218 -2.98 -5.71 31.46
C VAL A 218 -3.97 -6.87 31.47
N THR A 219 -4.40 -7.25 30.27
CA THR A 219 -5.32 -8.36 30.10
C THR A 219 -4.60 -9.47 29.32
N VAL A 220 -4.57 -10.65 29.93
CA VAL A 220 -3.90 -11.80 29.34
C VAL A 220 -4.97 -12.77 28.89
N TYR A 221 -4.82 -13.31 27.69
CA TYR A 221 -5.79 -14.26 27.18
C TYR A 221 -5.22 -15.65 27.27
N ASP A 222 -6.04 -16.63 26.90
CA ASP A 222 -5.63 -18.02 26.93
C ASP A 222 -4.35 -18.27 26.14
N PRO A 223 -3.45 -19.08 26.69
CA PRO A 223 -2.20 -19.38 25.99
C PRO A 223 -2.49 -20.30 24.82
N GLN A 224 -1.54 -20.38 23.89
CA GLN A 224 -1.68 -21.23 22.73
C GLN A 224 -0.40 -22.06 22.63
N ASP A 225 -0.55 -23.37 22.46
CA ASP A 225 0.59 -24.25 22.37
C ASP A 225 1.33 -24.08 21.05
N VAL A 226 2.65 -23.93 21.14
CA VAL A 226 3.51 -23.78 19.99
C VAL A 226 4.25 -25.10 19.84
N GLU A 227 4.13 -25.74 18.69
CA GLU A 227 4.78 -27.04 18.49
C GLU A 227 5.40 -27.26 17.12
N PHE A 228 6.14 -28.35 17.03
CA PHE A 228 6.83 -28.77 15.82
C PHE A 228 5.85 -29.42 14.85
N LYS A 229 5.89 -29.06 13.58
CA LYS A 229 5.01 -29.69 12.60
C LYS A 229 5.73 -30.86 11.96
N CYS A 230 5.66 -32.02 12.63
CA CYS A 230 6.30 -33.23 12.13
C CYS A 230 5.41 -33.89 11.08
N THR A 231 6.04 -34.60 10.16
CA THR A 231 5.33 -35.29 9.08
C THR A 231 4.81 -36.65 9.55
S SO4 B . 1.74 -29.15 4.53
O1 SO4 B . 3.15 -29.50 4.40
O2 SO4 B . 1.01 -29.58 3.33
O3 SO4 B . 1.15 -29.81 5.70
O4 SO4 B . 1.58 -27.70 4.68
S SO4 C . 0.48 10.97 -27.75
O1 SO4 C . 0.78 12.34 -27.29
O2 SO4 C . 0.09 11.00 -29.17
O3 SO4 C . 1.65 10.12 -27.60
O4 SO4 C . -0.63 10.38 -26.96
C1 GOL D . -10.46 4.53 18.68
O1 GOL D . -11.54 5.41 18.82
C2 GOL D . -9.38 4.95 19.75
O2 GOL D . -8.34 5.70 19.09
C3 GOL D . -8.78 3.68 20.39
O3 GOL D . -8.07 3.94 21.61
#